data_6T57
#
_entry.id   6T57
#
_cell.length_a   70.290
_cell.length_b   71.660
_cell.length_c   73.245
_cell.angle_alpha   90.000
_cell.angle_beta   100.679
_cell.angle_gamma   90.000
#
_symmetry.space_group_name_H-M   'C 1 2 1'
#
loop_
_entity.id
_entity.type
_entity.pdbx_description
1 polymer Prothrombin
2 polymer Prothrombin
3 polymer 'Hirudin variant-2'
4 non-polymer 'DIMETHYL SULFOXIDE'
5 non-polymer 'PHOSPHATE ION'
6 non-polymer 'SODIUM ION'
7 non-polymer 2-acetamido-2-deoxy-beta-D-glucopyranose
8 non-polymer (2~{S})-1-[(2~{R})-2-azanyl-3-phenyl-propanoyl]-~{N}-[(1-carbamimidoylpiperidin-4-yl)methyl]pyrrolidine-2-carboxamide
9 non-polymer 'trifluoroacetic acid'
10 water water
#
loop_
_entity_poly.entity_id
_entity_poly.type
_entity_poly.pdbx_seq_one_letter_code
_entity_poly.pdbx_strand_id
1 'polypeptide(L)' TFGSGEADCGLRPLFEKKSLEDKTERELLESYIDGR L
2 'polypeptide(L)'
;IVEGSDAEIGMSPWQVMLFRKSPQELLCGASLISDRWVLTAAHCLLYPPWDKNFTENDLLVRIGKHSRTRYERNIEKISM
LEKIYIHPRYNWRENLDRDIALMKLKKPVAFSDYIHPVCLPDRETAASLLQAGYKGRVTGWGNLKETWTANVGKGQPSVL
QVVNLPIVERPVCKDSTRIRITDNMFCAGYKPDEGKRGDACEGDSGGPFVMKSPFNNRWYQMGIVSWGEGCDRDGKYGFY
THVFRLKKWIQKVIDQFGE
;
H
3 'polypeptide(L)' DFEEIPEE(TYS)LQ I
#
# COMPACT_ATOMS: atom_id res chain seq x y z
N GLU A 6 -16.54 6.01 -5.00
CA GLU A 6 -16.18 5.99 -3.59
C GLU A 6 -17.37 5.63 -2.70
N ALA A 7 -18.59 5.82 -3.20
CA ALA A 7 -19.75 5.34 -2.46
C ALA A 7 -19.67 3.83 -2.29
N ASP A 8 -19.03 3.15 -3.22
CA ASP A 8 -18.89 1.70 -3.22
C ASP A 8 -17.48 1.26 -2.82
N CYS A 9 -16.71 2.15 -2.18
CA CYS A 9 -15.30 1.85 -1.88
C CYS A 9 -15.20 0.65 -0.95
N GLY A 10 -14.09 -0.07 -1.07
CA GLY A 10 -13.74 -1.09 -0.10
C GLY A 10 -14.52 -2.39 -0.16
N LEU A 11 -15.36 -2.58 -1.19
CA LEU A 11 -16.14 -3.79 -1.33
C LEU A 11 -15.68 -4.47 -2.61
N ARG A 12 -15.14 -5.69 -2.47
CA ARG A 12 -14.45 -6.32 -3.61
C ARG A 12 -15.45 -7.10 -4.46
N PRO A 13 -15.40 -6.93 -5.78
CA PRO A 13 -16.34 -7.66 -6.65
C PRO A 13 -16.33 -9.16 -6.46
N LEU A 14 -15.17 -9.77 -6.28
CA LEU A 14 -15.06 -11.21 -6.18
C LEU A 14 -15.17 -11.73 -4.76
N PHE A 15 -15.43 -10.85 -3.79
CA PHE A 15 -15.55 -11.30 -2.41
C PHE A 15 -16.79 -10.69 -1.75
N GLU A 16 -16.69 -9.48 -1.17
CA GLU A 16 -17.85 -8.89 -0.49
C GLU A 16 -19.08 -8.82 -1.39
N LYS A 17 -18.90 -8.37 -2.64
CA LYS A 17 -20.04 -8.20 -3.54
C LYS A 17 -20.80 -9.48 -3.78
N LYS A 18 -20.16 -10.65 -3.68
CA LYS A 18 -20.87 -11.91 -3.86
C LYS A 18 -20.89 -12.75 -2.58
N SER A 19 -20.68 -12.10 -1.42
CA SER A 19 -20.65 -12.74 -0.11
C SER A 19 -19.76 -13.98 -0.07
N LEU A 20 -18.55 -13.85 -0.62
CA LEU A 20 -17.49 -14.84 -0.47
C LEU A 20 -16.37 -14.23 0.35
N GLU A 21 -15.71 -15.06 1.15
CA GLU A 21 -14.59 -14.60 1.97
C GLU A 21 -13.29 -15.15 1.43
N ASP A 22 -12.22 -14.36 1.58
CA ASP A 22 -10.92 -14.85 1.17
C ASP A 22 -10.32 -15.73 2.27
N LYS A 23 -9.19 -16.35 1.96
CA LYS A 23 -8.70 -17.45 2.80
C LYS A 23 -8.17 -17.01 4.16
N THR A 24 -7.83 -15.73 4.37
CA THR A 24 -7.26 -15.33 5.65
C THR A 24 -7.90 -14.10 6.27
N GLU A 25 -9.01 -13.58 5.73
CA GLU A 25 -9.61 -12.42 6.38
C GLU A 25 -10.18 -12.74 7.76
N ARG A 26 -10.51 -14.00 8.02
CA ARG A 26 -10.96 -14.36 9.37
C ARG A 26 -9.89 -14.07 10.41
N GLU A 27 -8.62 -14.19 10.04
CA GLU A 27 -7.55 -13.89 10.99
C GLU A 27 -7.60 -12.44 11.44
N LEU A 28 -7.96 -11.54 10.52
CA LEU A 28 -8.14 -10.14 10.88
C LEU A 28 -9.32 -9.95 11.83
N LEU A 29 -10.49 -10.49 11.48
CA LEU A 29 -11.68 -10.33 12.33
C LEU A 29 -11.42 -10.83 13.75
N GLU A 30 -10.73 -11.97 13.87
CA GLU A 30 -10.48 -12.55 15.19
C GLU A 30 -9.57 -11.66 16.04
N SER A 31 -8.72 -10.86 15.41
CA SER A 31 -7.84 -10.01 16.19
C SER A 31 -8.56 -8.81 16.80
N TYR A 32 -9.80 -8.50 16.40
N TYR A 32 -9.74 -8.48 16.27
CA TYR A 32 -10.44 -7.26 16.87
CA TYR A 32 -10.62 -7.53 16.91
C TYR A 32 -11.29 -7.55 18.12
C TYR A 32 -11.06 -8.11 18.23
N ILE A 33 -10.65 -7.46 19.30
CA ILE A 33 -11.21 -7.81 20.61
C ILE A 33 -11.50 -6.54 21.41
N ILE B 1 7.52 -8.76 -0.01
CA ILE B 1 6.91 -9.31 1.18
C ILE B 1 7.65 -10.56 1.65
N VAL B 2 8.03 -10.60 2.93
CA VAL B 2 8.72 -11.73 3.54
C VAL B 2 7.74 -12.58 4.32
N GLU B 3 7.78 -13.90 4.10
CA GLU B 3 6.97 -14.88 4.82
C GLU B 3 5.47 -14.64 4.62
N GLY B 4 5.11 -14.18 3.42
CA GLY B 4 3.72 -14.06 3.00
C GLY B 4 3.30 -15.23 2.13
N SER B 5 2.23 -15.03 1.38
CA SER B 5 1.69 -16.05 0.49
C SER B 5 1.16 -15.41 -0.77
N ASP B 6 0.91 -16.24 -1.80
CA ASP B 6 0.30 -15.74 -3.03
C ASP B 6 -1.07 -15.17 -2.74
N ALA B 7 -1.34 -13.97 -3.24
CA ALA B 7 -2.69 -13.41 -3.18
C ALA B 7 -3.67 -14.21 -4.03
N GLU B 8 -4.93 -14.23 -3.61
CA GLU B 8 -6.00 -14.74 -4.44
C GLU B 8 -6.36 -13.74 -5.54
N ILE B 9 -6.94 -14.25 -6.62
CA ILE B 9 -7.41 -13.37 -7.69
C ILE B 9 -8.45 -12.41 -7.14
N GLY B 10 -8.25 -11.11 -7.41
CA GLY B 10 -9.17 -10.07 -6.95
C GLY B 10 -9.15 -9.80 -5.47
N MET B 11 -8.14 -10.29 -4.75
CA MET B 11 -8.10 -10.13 -3.29
C MET B 11 -7.79 -8.70 -2.90
N SER B 12 -7.07 -7.97 -3.75
N SER B 12 -7.04 -7.98 -3.72
CA SER B 12 -6.63 -6.61 -3.45
CA SER B 12 -6.63 -6.60 -3.45
C SER B 12 -6.81 -5.75 -4.70
C SER B 12 -6.81 -5.76 -4.71
N PRO B 13 -8.05 -5.51 -5.11
CA PRO B 13 -8.28 -4.85 -6.41
C PRO B 13 -7.94 -3.38 -6.41
N TRP B 14 -7.56 -2.79 -5.26
CA TRP B 14 -7.00 -1.45 -5.19
C TRP B 14 -5.49 -1.41 -5.35
N GLN B 15 -4.81 -2.56 -5.42
CA GLN B 15 -3.35 -2.56 -5.52
C GLN B 15 -2.92 -2.00 -6.87
N VAL B 16 -1.92 -1.12 -6.83
CA VAL B 16 -1.39 -0.47 -8.02
C VAL B 16 0.11 -0.72 -8.06
N MET B 17 0.65 -0.97 -9.25
CA MET B 17 2.10 -1.03 -9.45
C MET B 17 2.59 0.28 -10.08
N LEU B 18 3.61 0.87 -9.47
CA LEU B 18 4.32 1.99 -10.08
C LEU B 18 5.44 1.43 -10.95
N PHE B 19 5.46 1.83 -12.21
CA PHE B 19 6.28 1.19 -13.23
C PHE B 19 7.11 2.24 -13.95
N ARG B 20 8.42 2.02 -14.02
CA ARG B 20 9.31 2.91 -14.74
C ARG B 20 9.29 2.57 -16.23
N LYS B 21 9.24 3.62 -17.07
CA LYS B 21 9.18 3.43 -18.52
C LYS B 21 10.50 2.91 -19.08
N SER B 22 11.59 3.63 -18.83
CA SER B 22 12.89 3.29 -19.39
C SER B 22 13.93 3.34 -18.28
N PRO B 23 14.50 2.20 -17.87
CA PRO B 23 14.13 0.87 -18.33
C PRO B 23 12.83 0.39 -17.70
N GLN B 24 12.12 -0.53 -18.36
CA GLN B 24 10.84 -1.01 -17.83
C GLN B 24 11.10 -1.83 -16.57
N GLU B 25 10.57 -1.37 -15.44
CA GLU B 25 10.84 -2.03 -14.18
C GLU B 25 9.85 -1.57 -13.13
N LEU B 26 9.57 -2.45 -12.16
CA LEU B 26 8.79 -2.05 -11.00
C LEU B 26 9.56 -1.01 -10.20
N LEU B 27 8.85 0.00 -9.72
CA LEU B 27 9.41 0.99 -8.81
C LEU B 27 8.88 0.85 -7.40
N CYS B 28 7.58 0.62 -7.26
CA CYS B 28 6.94 0.73 -5.96
C CYS B 28 5.51 0.21 -6.09
N GLY B 29 4.88 0.03 -4.93
CA GLY B 29 3.45 -0.16 -4.85
C GLY B 29 2.71 1.17 -4.71
N ALA B 30 1.39 1.09 -4.74
CA ALA B 30 0.48 2.24 -4.67
C ALA B 30 -0.93 1.70 -4.49
N SER B 31 -1.91 2.60 -4.37
CA SER B 31 -3.29 2.15 -4.14
C SER B 31 -4.29 3.06 -4.86
N LEU B 32 -5.37 2.45 -5.31
CA LEU B 32 -6.44 3.17 -6.01
C LEU B 32 -7.49 3.66 -5.01
N ILE B 33 -7.72 4.98 -4.97
CA ILE B 33 -8.71 5.54 -4.04
C ILE B 33 -9.91 6.15 -4.76
N SER B 34 -9.85 6.31 -6.08
CA SER B 34 -11.01 6.68 -6.89
C SER B 34 -10.65 6.39 -8.33
N ASP B 35 -11.59 6.67 -9.25
CA ASP B 35 -11.24 6.36 -10.63
C ASP B 35 -10.16 7.28 -11.20
N ARG B 36 -9.75 8.33 -10.49
CA ARG B 36 -8.71 9.20 -11.02
C ARG B 36 -7.53 9.43 -10.08
N TRP B 37 -7.55 8.91 -8.85
CA TRP B 37 -6.53 9.23 -7.87
C TRP B 37 -5.87 7.98 -7.31
N VAL B 38 -4.54 8.05 -7.19
CA VAL B 38 -3.71 6.95 -6.71
C VAL B 38 -2.82 7.46 -5.59
N LEU B 39 -2.78 6.72 -4.49
CA LEU B 39 -2.01 7.07 -3.30
C LEU B 39 -0.70 6.25 -3.26
N THR B 40 0.40 6.89 -2.87
CA THR B 40 1.65 6.15 -2.70
C THR B 40 2.52 6.83 -1.64
N ALA B 41 3.74 6.34 -1.48
CA ALA B 41 4.72 6.91 -0.58
C ALA B 41 5.53 7.96 -1.33
N ALA B 42 5.78 9.09 -0.67
CA ALA B 42 6.57 10.16 -1.29
C ALA B 42 7.95 9.67 -1.68
N HIS B 43 8.56 8.82 -0.85
CA HIS B 43 9.93 8.41 -1.14
C HIS B 43 10.02 7.50 -2.35
N CYS B 44 8.89 6.96 -2.83
CA CYS B 44 8.85 6.25 -4.10
C CYS B 44 9.11 7.18 -5.28
N LEU B 45 8.81 8.47 -5.11
CA LEU B 45 8.98 9.47 -6.17
C LEU B 45 10.15 10.39 -5.96
N LEU B 46 10.37 10.83 -4.72
CA LEU B 46 11.39 11.82 -4.40
C LEU B 46 12.20 11.31 -3.21
N TYR B 47 13.48 11.03 -3.45
CA TYR B 47 14.41 10.71 -2.37
C TYR B 47 15.80 11.11 -2.84
N PRO B 48 16.17 12.36 -2.61
CA PRO B 48 17.49 12.88 -3.08
C PRO B 48 18.69 12.05 -2.63
N PRO B 49 18.69 11.44 -1.44
CA PRO B 49 19.89 10.65 -1.07
C PRO B 49 20.19 9.51 -2.04
N TRP B 50 19.19 9.00 -2.74
CA TRP B 50 19.35 7.96 -3.75
C TRP B 50 19.28 8.51 -5.17
N ASP B 51 19.38 9.83 -5.33
CA ASP B 51 19.25 10.48 -6.63
C ASP B 51 17.93 10.11 -7.32
N LYS B 52 16.86 10.07 -6.52
CA LYS B 52 15.53 9.71 -7.02
C LYS B 52 14.68 10.98 -7.04
N ASN B 53 14.25 11.38 -8.24
CA ASN B 53 13.38 12.55 -8.38
C ASN B 53 12.62 12.37 -9.69
N PHE B 54 11.59 11.54 -9.65
CA PHE B 54 10.83 11.22 -10.85
C PHE B 54 9.86 12.34 -11.23
N THR B 55 9.59 12.45 -12.52
CA THR B 55 8.59 13.35 -13.07
C THR B 55 7.46 12.50 -13.67
N GLU B 56 6.32 13.15 -13.92
CA GLU B 56 5.14 12.44 -14.44
C GLU B 56 5.49 11.55 -15.63
N ASN B 57 6.18 12.11 -16.63
CA ASN B 57 6.37 11.35 -17.86
C ASN B 57 7.38 10.22 -17.70
N ASP B 58 8.05 10.14 -16.56
CA ASP B 58 8.92 8.99 -16.30
C ASP B 58 8.14 7.72 -15.99
N LEU B 59 6.85 7.86 -15.68
CA LEU B 59 6.12 6.85 -14.90
C LEU B 59 4.84 6.41 -15.58
N LEU B 60 4.46 5.16 -15.29
CA LEU B 60 3.12 4.66 -15.53
C LEU B 60 2.60 4.00 -14.24
N VAL B 61 1.29 3.84 -14.14
CA VAL B 61 0.71 2.99 -13.11
C VAL B 61 -0.02 1.85 -13.79
N ARG B 62 0.09 0.66 -13.20
CA ARG B 62 -0.54 -0.54 -13.74
C ARG B 62 -1.53 -1.05 -12.69
N ILE B 63 -2.79 -1.15 -13.08
CA ILE B 63 -3.91 -1.39 -12.18
C ILE B 63 -4.55 -2.71 -12.53
N GLY B 64 -4.96 -3.46 -11.51
CA GLY B 64 -5.60 -4.75 -11.72
C GLY B 64 -4.66 -5.92 -11.89
N LYS B 65 -3.38 -5.77 -11.51
CA LYS B 65 -2.41 -6.81 -11.79
C LYS B 65 -2.40 -7.92 -10.73
N HIS B 66 -1.85 -9.06 -11.14
CA HIS B 66 -1.57 -10.20 -10.27
C HIS B 66 -0.14 -10.67 -10.48
N SER B 67 0.20 -11.16 -11.68
CA SER B 67 1.59 -11.48 -12.00
C SER B 67 2.47 -10.25 -11.86
N ARG B 68 3.68 -10.45 -11.33
CA ARG B 68 4.63 -9.33 -11.21
C ARG B 68 5.12 -8.88 -12.58
N THR B 69 5.48 -9.82 -13.47
CA THR B 69 6.21 -9.46 -14.68
C THR B 69 5.43 -9.60 -15.99
N ARG B 70 4.35 -10.39 -16.01
N ARG B 70 4.33 -10.36 -16.00
CA ARG B 70 3.59 -10.57 -17.25
CA ARG B 70 3.58 -10.56 -17.23
C ARG B 70 2.77 -9.33 -17.56
C ARG B 70 2.74 -9.34 -17.56
N TYR B 71 2.57 -9.08 -18.86
CA TYR B 71 1.57 -8.12 -19.30
C TYR B 71 0.23 -8.86 -19.33
N GLU B 72 -0.67 -8.49 -18.42
CA GLU B 72 -1.88 -9.26 -18.18
C GLU B 72 -3.01 -8.74 -19.07
N ARG B 73 -2.93 -9.15 -20.33
CA ARG B 73 -3.85 -8.70 -21.36
C ARG B 73 -5.31 -8.97 -20.97
N ASN B 74 -6.17 -7.97 -21.21
CA ASN B 74 -7.60 -7.98 -20.93
C ASN B 74 -7.94 -7.92 -19.44
N ILE B 75 -6.95 -7.69 -18.59
CA ILE B 75 -7.17 -7.68 -17.15
C ILE B 75 -6.61 -6.38 -16.57
N GLU B 76 -5.30 -6.19 -16.70
CA GLU B 76 -4.71 -4.98 -16.16
C GLU B 76 -5.02 -3.79 -17.07
N LYS B 77 -4.98 -2.61 -16.47
CA LYS B 77 -5.09 -1.34 -17.19
C LYS B 77 -3.88 -0.50 -16.84
N ILE B 78 -3.30 0.14 -17.86
CA ILE B 78 -2.10 0.95 -17.71
C ILE B 78 -2.48 2.41 -17.93
N SER B 79 -2.15 3.26 -16.96
CA SER B 79 -2.54 4.67 -16.97
C SER B 79 -1.31 5.57 -16.92
N MET B 80 -1.40 6.70 -17.60
CA MET B 80 -0.37 7.74 -17.54
C MET B 80 -0.74 8.75 -16.46
N LEU B 81 0.28 9.44 -15.95
CA LEU B 81 0.08 10.38 -14.87
C LEU B 81 -0.13 11.79 -15.40
N GLU B 82 -1.12 12.47 -14.85
CA GLU B 82 -1.29 13.90 -15.10
C GLU B 82 -0.42 14.73 -14.19
N LYS B 83 -0.41 14.43 -12.90
CA LYS B 83 0.26 15.28 -11.93
C LYS B 83 0.65 14.48 -10.69
N ILE B 84 1.85 14.76 -10.17
CA ILE B 84 2.33 14.22 -8.90
C ILE B 84 2.24 15.31 -7.83
N TYR B 85 1.70 14.95 -6.66
CA TYR B 85 1.60 15.87 -5.52
C TYR B 85 2.24 15.25 -4.29
N ILE B 86 3.30 15.87 -3.80
CA ILE B 86 4.03 15.39 -2.63
C ILE B 86 3.67 16.26 -1.44
N HIS B 87 3.50 15.64 -0.27
CA HIS B 87 3.18 16.42 0.92
C HIS B 87 4.24 17.52 1.12
N PRO B 88 3.82 18.77 1.35
CA PRO B 88 4.81 19.85 1.45
C PRO B 88 5.74 19.74 2.64
N ARG B 89 5.37 18.97 3.67
CA ARG B 89 6.22 18.77 4.84
C ARG B 89 6.78 17.34 4.91
N TYR B 90 6.79 16.63 3.78
CA TYR B 90 7.53 15.38 3.66
C TYR B 90 8.99 15.61 4.03
N ASN B 91 9.46 14.84 5.02
CA ASN B 91 10.81 15.02 5.57
C ASN B 91 11.73 13.91 5.05
N TRP B 92 12.24 14.10 3.84
CA TRP B 92 13.20 13.13 3.30
C TRP B 92 14.59 13.32 3.88
N ARG B 93 14.86 14.45 4.52
CA ARG B 93 16.19 14.68 5.07
C ARG B 93 16.45 13.84 6.32
N GLU B 94 15.41 13.57 7.12
CA GLU B 94 15.62 12.94 8.42
C GLU B 94 14.98 11.56 8.52
N ASN B 95 13.65 11.46 8.66
CA ASN B 95 13.03 10.21 9.11
C ASN B 95 11.83 9.79 8.28
N LEU B 96 11.65 10.35 7.08
CA LEU B 96 10.50 10.07 6.20
C LEU B 96 9.17 10.45 6.85
N ASP B 97 9.18 11.45 7.74
CA ASP B 97 7.93 11.95 8.30
C ASP B 97 7.02 12.43 7.16
N ARG B 98 5.74 12.05 7.26
CA ARG B 98 4.74 12.38 6.25
C ARG B 98 5.11 11.83 4.87
N ASP B 99 5.36 10.52 4.80
CA ASP B 99 5.79 9.83 3.58
C ASP B 99 4.55 9.50 2.77
N ILE B 100 4.06 10.49 2.04
CA ILE B 100 2.79 10.35 1.33
C ILE B 100 2.80 11.22 0.09
N ALA B 101 2.18 10.73 -0.98
CA ALA B 101 2.04 11.46 -2.23
C ALA B 101 0.79 10.99 -2.94
N LEU B 102 0.19 11.88 -3.72
CA LEU B 102 -0.92 11.54 -4.60
C LEU B 102 -0.49 11.65 -6.06
N MET B 103 -1.08 10.81 -6.91
CA MET B 103 -0.87 10.86 -8.35
C MET B 103 -2.24 10.93 -9.01
N LYS B 104 -2.47 11.97 -9.80
CA LYS B 104 -3.72 12.08 -10.56
C LYS B 104 -3.53 11.50 -11.95
N LEU B 105 -4.46 10.65 -12.36
CA LEU B 105 -4.36 9.97 -13.65
C LEU B 105 -4.91 10.84 -14.78
N LYS B 106 -4.36 10.64 -15.98
CA LYS B 106 -4.80 11.43 -17.12
C LYS B 106 -6.26 11.17 -17.47
N LYS B 107 -6.68 9.92 -17.41
CA LYS B 107 -8.07 9.54 -17.68
C LYS B 107 -8.59 8.63 -16.58
N PRO B 108 -9.89 8.68 -16.29
CA PRO B 108 -10.46 7.77 -15.28
C PRO B 108 -10.32 6.33 -15.70
N VAL B 109 -10.04 5.47 -14.73
CA VAL B 109 -9.88 4.04 -15.00
C VAL B 109 -11.25 3.38 -14.83
N ALA B 110 -11.54 2.40 -15.70
CA ALA B 110 -12.78 1.65 -15.58
C ALA B 110 -12.65 0.56 -14.53
N PHE B 111 -13.64 0.49 -13.65
CA PHE B 111 -13.65 -0.55 -12.62
C PHE B 111 -14.06 -1.89 -13.22
N SER B 112 -13.64 -2.96 -12.56
CA SER B 112 -13.88 -4.32 -13.02
C SER B 112 -13.79 -5.26 -11.83
N ASP B 113 -13.88 -6.57 -12.09
CA ASP B 113 -13.66 -7.56 -11.05
C ASP B 113 -12.29 -7.41 -10.41
N TYR B 114 -11.32 -6.85 -11.15
CA TYR B 114 -9.92 -6.78 -10.72
C TYR B 114 -9.48 -5.38 -10.32
N ILE B 115 -10.33 -4.37 -10.49
CA ILE B 115 -10.00 -2.96 -10.31
C ILE B 115 -11.11 -2.30 -9.52
N HIS B 116 -10.80 -1.83 -8.30
CA HIS B 116 -11.83 -1.25 -7.43
C HIS B 116 -11.15 -0.47 -6.32
N PRO B 117 -11.64 0.72 -5.96
CA PRO B 117 -10.94 1.53 -4.95
C PRO B 117 -11.14 1.04 -3.52
N VAL B 118 -10.14 1.32 -2.69
CA VAL B 118 -10.21 1.11 -1.25
C VAL B 118 -10.81 2.36 -0.61
N CYS B 119 -11.35 2.20 0.61
CA CYS B 119 -11.83 3.35 1.38
C CYS B 119 -10.70 4.02 2.16
N LEU B 120 -10.87 5.34 2.39
CA LEU B 120 -10.01 6.04 3.35
C LEU B 120 -10.73 6.24 4.67
N PRO B 121 -10.02 6.10 5.78
CA PRO B 121 -10.69 6.14 7.08
C PRO B 121 -11.15 7.54 7.48
N ASP B 122 -12.23 7.59 8.23
CA ASP B 122 -12.59 8.79 8.96
C ASP B 122 -12.13 8.63 10.41
N ARG B 123 -12.32 9.67 11.22
CA ARG B 123 -11.75 9.64 12.56
C ARG B 123 -12.31 8.50 13.39
N GLU B 124 -13.59 8.15 13.17
CA GLU B 124 -14.20 7.12 14.00
C GLU B 124 -13.64 5.74 13.66
N THR B 125 -13.47 5.45 12.37
CA THR B 125 -12.89 4.17 11.97
C THR B 125 -11.43 4.08 12.41
N ALA B 126 -10.69 5.19 12.31
CA ALA B 126 -9.30 5.19 12.76
C ALA B 126 -9.20 4.91 14.25
N ALA B 127 -10.03 5.59 15.06
CA ALA B 127 -9.97 5.37 16.48
C ALA B 127 -10.37 3.95 16.85
N SER B 128 -11.34 3.37 16.13
N SER B 128 -11.31 3.36 16.10
CA SER B 128 -11.78 2.02 16.46
CA SER B 128 -11.82 2.03 16.44
C SER B 128 -10.73 0.98 16.08
C SER B 128 -10.88 0.91 15.99
N LEU B 129 -10.16 1.09 14.88
CA LEU B 129 -9.35 0.00 14.33
C LEU B 129 -7.85 0.12 14.59
N LEU B 130 -7.31 1.32 14.75
CA LEU B 130 -5.84 1.44 14.87
C LEU B 130 -5.45 1.26 16.35
N GLN B 131 -5.47 0.01 16.79
CA GLN B 131 -5.16 -0.36 18.18
C GLN B 131 -4.15 -1.50 18.18
N ALA B 132 -3.22 -1.48 19.14
CA ALA B 132 -2.21 -2.52 19.24
C ALA B 132 -2.85 -3.89 19.36
N GLY B 133 -2.33 -4.85 18.58
CA GLY B 133 -2.82 -6.20 18.55
C GLY B 133 -3.81 -6.47 17.43
N TYR B 134 -4.50 -5.44 16.96
CA TYR B 134 -5.39 -5.61 15.82
C TYR B 134 -4.56 -5.79 14.55
N LYS B 135 -4.99 -6.68 13.68
CA LYS B 135 -4.21 -7.04 12.49
C LYS B 135 -4.70 -6.32 11.24
N GLY B 136 -3.75 -5.88 10.42
CA GLY B 136 -4.02 -5.42 9.08
C GLY B 136 -3.29 -6.30 8.07
N ARG B 137 -3.41 -5.90 6.80
CA ARG B 137 -2.93 -6.69 5.67
C ARG B 137 -2.06 -5.83 4.76
N VAL B 138 -0.86 -6.34 4.41
CA VAL B 138 0.05 -5.64 3.51
C VAL B 138 0.26 -6.49 2.27
N THR B 139 0.35 -5.82 1.11
CA THR B 139 0.45 -6.50 -0.17
C THR B 139 1.51 -5.85 -1.03
N GLY B 140 2.18 -6.64 -1.87
CA GLY B 140 3.19 -6.07 -2.74
C GLY B 140 3.92 -7.11 -3.56
N TRP B 141 4.72 -6.61 -4.49
CA TRP B 141 5.57 -7.44 -5.33
C TRP B 141 7.05 -7.29 -4.98
N GLY B 142 7.35 -6.81 -3.77
CA GLY B 142 8.73 -6.59 -3.39
C GLY B 142 9.46 -7.87 -3.05
N ASN B 143 10.71 -7.69 -2.62
CA ASN B 143 11.58 -8.82 -2.35
C ASN B 143 10.99 -9.76 -1.30
N LEU B 144 11.28 -11.05 -1.47
CA LEU B 144 10.82 -12.12 -0.60
C LEU B 144 11.72 -12.34 0.61
N LYS B 145 12.90 -11.72 0.64
CA LYS B 145 13.82 -11.85 1.76
C LYS B 145 14.84 -10.72 1.68
N GLU B 146 15.50 -10.48 2.80
CA GLU B 146 16.51 -9.45 2.86
C GLU B 146 17.77 -9.91 2.16
N GLY B 155 14.22 -14.76 -4.01
CA GLY B 155 14.45 -13.38 -4.42
C GLY B 155 13.19 -12.57 -4.61
N GLN B 156 12.61 -12.63 -5.81
CA GLN B 156 11.43 -11.88 -6.17
C GLN B 156 10.26 -12.81 -6.52
N PRO B 157 9.02 -12.40 -6.25
CA PRO B 157 7.89 -13.31 -6.43
C PRO B 157 7.30 -13.32 -7.83
N SER B 158 6.68 -14.46 -8.18
CA SER B 158 5.98 -14.56 -9.45
C SER B 158 4.69 -13.74 -9.45
N VAL B 159 3.97 -13.72 -8.33
CA VAL B 159 2.69 -13.00 -8.25
C VAL B 159 2.63 -12.18 -6.96
N LEU B 160 1.59 -11.37 -6.87
CA LEU B 160 1.37 -10.50 -5.71
C LEU B 160 1.40 -11.29 -4.41
N GLN B 161 2.10 -10.77 -3.41
CA GLN B 161 2.19 -11.40 -2.11
C GLN B 161 1.32 -10.66 -1.08
N VAL B 162 0.84 -11.41 -0.10
CA VAL B 162 -0.02 -10.89 0.97
C VAL B 162 0.51 -11.40 2.31
N VAL B 163 0.46 -10.54 3.34
CA VAL B 163 0.76 -10.96 4.71
C VAL B 163 -0.11 -10.15 5.67
N ASN B 164 -0.61 -10.82 6.70
CA ASN B 164 -1.38 -10.19 7.77
C ASN B 164 -0.48 -9.95 8.98
N LEU B 165 -0.51 -8.74 9.53
CA LEU B 165 0.42 -8.35 10.61
C LEU B 165 -0.25 -7.53 11.70
N PRO B 166 0.08 -7.76 12.97
CA PRO B 166 -0.50 -6.98 14.05
C PRO B 166 0.15 -5.60 14.26
N ILE B 167 -0.68 -4.59 14.51
CA ILE B 167 -0.21 -3.29 14.95
C ILE B 167 0.49 -3.42 16.30
N VAL B 168 1.59 -2.68 16.48
CA VAL B 168 2.44 -2.80 17.66
C VAL B 168 2.27 -1.56 18.55
N GLU B 169 2.34 -1.76 19.87
CA GLU B 169 2.25 -0.66 20.82
C GLU B 169 3.34 0.39 20.54
N ARG B 170 2.99 1.67 20.65
CA ARG B 170 3.94 2.70 20.28
C ARG B 170 5.26 2.68 21.07
N PRO B 171 5.28 2.42 22.38
CA PRO B 171 6.59 2.32 23.06
C PRO B 171 7.47 1.21 22.53
N VAL B 172 6.89 0.07 22.11
CA VAL B 172 7.69 -0.99 21.51
C VAL B 172 8.25 -0.55 20.16
N CYS B 173 7.45 0.13 19.34
CA CYS B 173 7.96 0.70 18.09
C CYS B 173 9.14 1.63 18.35
N LYS B 174 8.98 2.55 19.30
CA LYS B 174 10.02 3.52 19.59
C LYS B 174 11.31 2.83 20.05
N ASP B 175 11.19 1.83 20.91
CA ASP B 175 12.36 1.19 21.50
C ASP B 175 13.04 0.21 20.55
N SER B 176 12.48 -0.01 19.37
CA SER B 176 13.04 -0.96 18.40
C SER B 176 14.05 -0.31 17.44
N THR B 177 14.18 1.01 17.47
CA THR B 177 14.92 1.71 16.43
C THR B 177 15.54 2.98 17.00
N ARG B 178 16.65 3.41 16.41
CA ARG B 178 17.23 4.69 16.76
C ARG B 178 16.67 5.84 15.92
N ILE B 179 15.87 5.55 14.90
CA ILE B 179 15.26 6.59 14.08
C ILE B 179 14.11 7.21 14.86
N ARG B 180 13.95 8.53 14.75
CA ARG B 180 12.92 9.26 15.49
C ARG B 180 11.54 8.99 14.88
N ILE B 181 10.65 8.40 15.68
N ILE B 181 10.63 8.44 15.65
CA ILE B 181 9.27 8.14 15.26
CA ILE B 181 9.30 8.15 15.12
C ILE B 181 8.44 9.41 15.43
C ILE B 181 8.33 9.25 15.54
N THR B 182 7.33 9.49 14.68
CA THR B 182 6.37 10.58 14.86
C THR B 182 4.95 10.03 14.90
N ASP B 183 4.03 10.92 15.30
CA ASP B 183 2.61 10.60 15.29
C ASP B 183 2.07 10.33 13.90
N ASN B 184 2.82 10.67 12.85
CA ASN B 184 2.38 10.37 11.48
C ASN B 184 2.83 9.00 11.03
N MET B 185 3.27 8.15 11.94
CA MET B 185 3.72 6.80 11.65
C MET B 185 3.08 5.83 12.63
N PHE B 186 2.99 4.56 12.21
CA PHE B 186 2.77 3.47 13.15
C PHE B 186 3.61 2.28 12.70
N CYS B 187 3.76 1.29 13.57
CA CYS B 187 4.53 0.12 13.16
C CYS B 187 3.73 -1.14 13.40
N ALA B 188 4.13 -2.20 12.68
CA ALA B 188 3.42 -3.46 12.71
C ALA B 188 4.38 -4.61 12.50
N GLY B 189 3.99 -5.77 13.00
CA GLY B 189 4.79 -6.98 12.90
C GLY B 189 4.73 -7.78 14.19
N TYR B 190 5.17 -9.02 14.12
CA TYR B 190 5.18 -9.89 15.29
C TYR B 190 6.41 -9.66 16.16
N LYS B 191 6.25 -9.84 17.45
CA LYS B 191 7.38 -9.80 18.37
C LYS B 191 8.18 -11.11 18.28
N PRO B 192 9.44 -11.09 18.68
CA PRO B 192 10.25 -12.30 18.58
C PRO B 192 9.67 -13.42 19.42
N ASP B 193 9.88 -14.65 18.97
CA ASP B 193 9.42 -15.87 19.62
C ASP B 193 7.91 -15.94 19.76
N GLU B 194 7.17 -15.07 19.06
CA GLU B 194 5.70 -15.20 19.05
C GLU B 194 5.24 -16.37 18.18
N GLY B 195 6.14 -17.02 17.46
CA GLY B 195 5.79 -18.17 16.66
C GLY B 195 5.40 -17.86 15.22
N LYS B 196 5.27 -16.59 14.86
CA LYS B 196 4.92 -16.19 13.50
C LYS B 196 5.80 -15.02 13.11
N ARG B 197 5.96 -14.80 11.80
CA ARG B 197 6.76 -13.68 11.33
C ARG B 197 6.12 -13.10 10.06
N GLY B 198 6.85 -12.23 9.38
CA GLY B 198 6.36 -11.55 8.20
C GLY B 198 6.63 -10.05 8.23
N ASP B 199 6.85 -9.48 7.04
CA ASP B 199 7.23 -8.07 6.96
C ASP B 199 7.13 -7.63 5.51
N ALA B 200 7.03 -6.32 5.31
CA ALA B 200 7.29 -5.77 3.98
C ALA B 200 8.79 -5.65 3.75
N CYS B 201 9.15 -5.39 2.50
CA CYS B 201 10.57 -5.34 2.13
C CYS B 201 10.75 -4.36 0.98
N GLU B 202 11.99 -4.27 0.47
CA GLU B 202 12.25 -3.39 -0.66
C GLU B 202 11.36 -3.75 -1.84
N GLY B 203 10.81 -2.73 -2.50
CA GLY B 203 9.86 -2.91 -3.58
C GLY B 203 8.39 -2.86 -3.16
N ASP B 204 8.09 -3.03 -1.87
CA ASP B 204 6.72 -2.97 -1.36
C ASP B 204 6.31 -1.55 -0.99
N SER B 205 7.27 -0.61 -0.90
CA SER B 205 7.01 0.78 -0.52
C SER B 205 5.87 1.38 -1.33
N GLY B 206 5.05 2.18 -0.67
CA GLY B 206 3.93 2.80 -1.33
C GLY B 206 2.66 1.97 -1.34
N GLY B 207 2.76 0.65 -1.11
CA GLY B 207 1.59 -0.21 -1.06
C GLY B 207 0.80 -0.01 0.20
N PRO B 208 -0.42 -0.56 0.23
CA PRO B 208 -1.33 -0.25 1.33
C PRO B 208 -1.25 -1.26 2.47
N PHE B 209 -1.41 -0.73 3.69
CA PHE B 209 -1.77 -1.51 4.88
C PHE B 209 -3.28 -1.32 5.09
N VAL B 210 -4.06 -2.38 4.89
CA VAL B 210 -5.53 -2.27 4.96
C VAL B 210 -6.08 -3.08 6.13
N MET B 211 -7.27 -2.66 6.59
CA MET B 211 -8.04 -3.36 7.62
C MET B 211 -9.49 -3.49 7.17
N LYS B 212 -10.13 -4.60 7.50
CA LYS B 212 -11.53 -4.79 7.15
C LYS B 212 -12.39 -4.41 8.35
N SER B 213 -13.21 -3.39 8.19
CA SER B 213 -14.06 -2.95 9.30
C SER B 213 -15.08 -4.03 9.65
N PRO B 214 -15.20 -4.41 10.93
CA PRO B 214 -16.25 -5.35 11.33
C PRO B 214 -17.61 -4.68 11.47
N PHE B 215 -17.67 -3.36 11.33
CA PHE B 215 -18.95 -2.67 11.42
C PHE B 215 -19.70 -2.63 10.10
N ASN B 216 -18.99 -2.45 8.98
CA ASN B 216 -19.68 -2.31 7.69
C ASN B 216 -19.07 -3.17 6.59
N ASN B 217 -18.10 -4.03 6.92
CA ASN B 217 -17.48 -5.01 6.03
C ASN B 217 -16.68 -4.41 4.90
N ARG B 218 -16.32 -3.13 4.99
CA ARG B 218 -15.52 -2.45 3.99
C ARG B 218 -14.04 -2.45 4.37
N TRP B 219 -13.19 -2.50 3.35
CA TRP B 219 -11.76 -2.38 3.55
C TRP B 219 -11.32 -0.93 3.56
N TYR B 220 -10.50 -0.56 4.55
CA TYR B 220 -10.00 0.78 4.75
C TYR B 220 -8.48 0.79 4.70
N GLN B 221 -7.89 1.78 4.02
CA GLN B 221 -6.44 1.86 3.97
C GLN B 221 -5.96 2.69 5.15
N MET B 222 -5.35 2.02 6.13
CA MET B 222 -4.85 2.72 7.31
C MET B 222 -3.41 3.21 7.18
N GLY B 223 -2.59 2.59 6.32
CA GLY B 223 -1.19 2.93 6.28
C GLY B 223 -0.62 2.73 4.89
N ILE B 224 0.58 3.27 4.72
CA ILE B 224 1.36 3.12 3.49
C ILE B 224 2.72 2.54 3.87
N VAL B 225 3.17 1.50 3.16
CA VAL B 225 4.49 0.94 3.42
C VAL B 225 5.56 2.02 3.27
N SER B 226 6.32 2.27 4.34
CA SER B 226 7.23 3.41 4.37
C SER B 226 8.68 3.01 4.61
N TRP B 227 9.02 2.47 5.78
CA TRP B 227 10.42 2.20 6.05
C TRP B 227 10.60 1.05 7.04
N GLY B 228 11.85 0.66 7.22
CA GLY B 228 12.20 -0.47 8.06
C GLY B 228 13.71 -0.58 8.03
N GLU B 229 14.23 -1.44 8.89
CA GLU B 229 15.67 -1.71 8.93
C GLU B 229 15.85 -3.20 8.69
N GLY B 230 16.33 -3.55 7.49
CA GLY B 230 16.34 -4.92 7.06
C GLY B 230 14.91 -5.26 6.70
N CYS B 231 14.63 -6.57 6.64
CA CYS B 231 13.28 -7.08 6.43
C CYS B 231 13.10 -8.33 7.28
N ASP B 232 12.03 -8.36 8.09
CA ASP B 232 11.67 -9.52 8.90
C ASP B 232 12.73 -9.88 9.95
N ARG B 233 13.49 -8.89 10.40
CA ARG B 233 14.47 -9.13 11.46
C ARG B 233 13.80 -9.23 12.82
N ASP B 234 14.37 -10.08 13.68
CA ASP B 234 13.84 -10.24 15.03
C ASP B 234 14.03 -8.95 15.82
N GLY B 235 12.95 -8.51 16.48
CA GLY B 235 13.00 -7.29 17.25
C GLY B 235 12.88 -6.01 16.45
N LYS B 236 12.75 -6.10 15.14
CA LYS B 236 12.50 -4.94 14.30
C LYS B 236 11.05 -5.00 13.81
N TYR B 237 10.53 -3.85 13.42
CA TYR B 237 9.15 -3.76 12.94
C TYR B 237 9.09 -2.87 11.71
N GLY B 238 8.10 -3.13 10.86
CA GLY B 238 7.88 -2.28 9.69
C GLY B 238 7.10 -1.04 10.08
N PHE B 239 7.47 0.10 9.47
CA PHE B 239 6.80 1.37 9.71
C PHE B 239 5.99 1.81 8.51
N TYR B 240 4.86 2.44 8.82
CA TYR B 240 3.82 2.79 7.87
C TYR B 240 3.41 4.23 8.09
N THR B 241 3.18 4.96 6.98
CA THR B 241 2.56 6.27 7.06
C THR B 241 1.13 6.17 7.59
N HIS B 242 0.78 7.03 8.55
CA HIS B 242 -0.53 7.06 9.22
C HIS B 242 -1.47 7.86 8.34
N VAL B 243 -2.31 7.17 7.56
CA VAL B 243 -3.11 7.83 6.52
C VAL B 243 -4.12 8.79 7.13
N PHE B 244 -4.80 8.38 8.18
CA PHE B 244 -5.79 9.28 8.76
C PHE B 244 -5.15 10.58 9.24
N ARG B 245 -3.94 10.51 9.82
CA ARG B 245 -3.33 11.74 10.31
C ARG B 245 -3.05 12.74 9.20
N LEU B 246 -2.99 12.30 7.95
CA LEU B 246 -2.73 13.18 6.82
C LEU B 246 -3.95 13.31 5.91
N LYS B 247 -5.13 12.93 6.41
CA LYS B 247 -6.33 12.94 5.58
C LYS B 247 -6.71 14.36 5.16
N LYS B 248 -6.50 15.34 6.06
CA LYS B 248 -6.84 16.72 5.70
C LYS B 248 -6.02 17.18 4.49
N TRP B 249 -4.73 16.83 4.43
CA TRP B 249 -3.96 17.15 3.24
C TRP B 249 -4.50 16.43 2.01
N ILE B 250 -4.83 15.14 2.15
CA ILE B 250 -5.41 14.39 1.03
C ILE B 250 -6.63 15.11 0.47
N GLN B 251 -7.54 15.51 1.37
CA GLN B 251 -8.79 16.12 0.93
C GLN B 251 -8.52 17.47 0.27
N LYS B 252 -7.56 18.22 0.80
CA LYS B 252 -7.24 19.52 0.21
C LYS B 252 -6.76 19.37 -1.24
N VAL B 253 -5.87 18.40 -1.48
CA VAL B 253 -5.37 18.17 -2.83
C VAL B 253 -6.50 17.77 -3.77
N ILE B 254 -7.38 16.87 -3.32
CA ILE B 254 -8.44 16.40 -4.19
C ILE B 254 -9.51 17.48 -4.39
N ASP B 255 -9.84 18.22 -3.32
CA ASP B 255 -10.84 19.28 -3.41
C ASP B 255 -10.28 20.58 -3.99
N GLN B 256 -9.10 20.54 -4.61
CA GLN B 256 -8.59 21.70 -5.31
C GLN B 256 -7.97 21.37 -6.67
N PHE B 257 -7.89 20.09 -7.04
CA PHE B 257 -7.32 19.71 -8.32
C PHE B 257 -8.22 18.79 -9.14
N GLY B 258 -9.43 18.50 -8.66
CA GLY B 258 -10.35 17.63 -9.38
C GLY B 258 -11.27 16.82 -8.49
N ASP C 1 13.28 -9.57 -17.25
CA ASP C 1 12.26 -10.31 -16.52
C ASP C 1 10.85 -9.81 -16.87
N PHE C 2 10.73 -8.51 -17.16
CA PHE C 2 9.44 -7.89 -17.40
C PHE C 2 9.04 -8.02 -18.86
N GLU C 3 7.93 -8.71 -19.10
CA GLU C 3 7.32 -8.75 -20.42
C GLU C 3 7.07 -7.35 -20.94
N GLU C 4 7.39 -7.12 -22.22
CA GLU C 4 7.21 -5.80 -22.82
C GLU C 4 5.73 -5.42 -22.85
N ILE C 5 5.44 -4.16 -22.59
CA ILE C 5 4.06 -3.68 -22.54
C ILE C 5 3.75 -2.98 -23.86
N PRO C 6 2.48 -2.85 -24.24
CA PRO C 6 2.13 -2.22 -25.53
C PRO C 6 2.76 -0.84 -25.69
N GLU C 7 3.24 -0.54 -26.91
CA GLU C 7 3.90 0.74 -27.16
C GLU C 7 2.95 1.91 -27.06
N GLU C 8 1.65 1.69 -27.20
CA GLU C 8 0.65 2.75 -27.03
C GLU C 8 0.83 3.50 -25.71
N LEU C 10 3.68 3.59 -23.83
CA LEU C 10 5.03 4.10 -23.65
C LEU C 10 5.29 5.38 -24.43
N GLN C 11 4.34 5.75 -25.30
CA GLN C 11 4.48 6.95 -26.11
C GLN C 11 3.92 8.17 -25.38
#